data_8F7P
#
_entry.id   8F7P
#
_cell.length_a   49.647
_cell.length_b   101.746
_cell.length_c   58.688
_cell.angle_alpha   90.00
_cell.angle_beta   109.67
_cell.angle_gamma   90.00
#
_symmetry.space_group_name_H-M   'P 1 21 1'
#
loop_
_entity.id
_entity.type
_entity.pdbx_description
1 polymer 'Serine/threonine-protein kinase B-raf'
2 non-polymer N-{3-[2-(2-hydroxyethoxy)-6-(morpholin-4-yl)pyridin-4-yl]-4-methylphenyl}-2-(trifluoromethyl)pyridine-4-carboxamide
3 water water
#
_entity_poly.entity_id   1
_entity_poly.type   'polypeptide(L)'
_entity_poly.pdbx_seq_one_letter_code
;GGGRDAADDWEIPDGQITVGQRIGSGSFGTVYKGKWHGDVAVKMLNVTAPTPQQLQAFKNEVGVLRKTRHVNILLFMGYS
TKPQLAIVTQWCEGSSLYHHLHASETKFEMKKLIDIARQTARGMDYLHAKSIIHRDLKSNNIFLHEDNTVKIGDFGLATV
KSRWSGSHQFEQLSGSILWMAPEVIRMQDSNPYSFQSDVYAFGIVLYELMTGQLPYSNINNRDQIIEMVGRGSLSPDLSK
VRSNCPKRMKRLMAECLKKKRDERPSFPRILAEIEELARELSG
;
_entity_poly.pdbx_strand_id   A,B
#
# COMPACT_ATOMS: atom_id res chain seq x y z
N ASP A 9 -10.36 -15.84 5.14
CA ASP A 9 -9.14 -16.63 4.99
C ASP A 9 -7.90 -15.79 5.29
N TRP A 10 -8.09 -14.67 5.97
CA TRP A 10 -7.00 -13.83 6.41
C TRP A 10 -6.54 -14.14 7.82
N GLU A 11 -6.92 -15.29 8.35
CA GLU A 11 -6.50 -15.64 9.70
C GLU A 11 -5.00 -15.95 9.71
N ILE A 12 -4.33 -15.48 10.76
CA ILE A 12 -2.88 -15.64 10.93
C ILE A 12 -2.68 -16.58 12.12
N PRO A 13 -2.07 -17.75 11.93
CA PRO A 13 -2.01 -18.75 13.00
C PRO A 13 -1.24 -18.26 14.22
N ASP A 14 -1.53 -18.89 15.35
CA ASP A 14 -0.88 -18.54 16.61
C ASP A 14 0.61 -18.80 16.55
N GLY A 15 1.40 -17.80 16.97
CA GLY A 15 2.84 -17.95 17.07
C GLY A 15 3.63 -17.36 15.91
N GLN A 16 2.99 -16.79 14.90
CA GLN A 16 3.72 -16.23 13.77
C GLN A 16 4.09 -14.76 13.95
N ILE A 17 3.35 -14.03 14.77
CA ILE A 17 3.57 -12.61 15.01
C ILE A 17 4.42 -12.45 16.27
N THR A 18 5.49 -11.66 16.17
CA THR A 18 6.33 -11.30 17.31
C THR A 18 5.90 -9.91 17.82
N VAL A 19 5.23 -9.90 18.96
CA VAL A 19 4.81 -8.64 19.60
C VAL A 19 6.02 -7.91 20.18
N GLY A 20 6.24 -6.69 19.73
CA GLY A 20 7.35 -5.85 20.17
C GLY A 20 6.90 -4.73 21.09
N GLN A 21 7.40 -3.53 20.84
CA GLN A 21 7.12 -2.38 21.67
C GLN A 21 5.63 -2.04 21.71
N ARG A 22 5.16 -1.61 22.88
CA ARG A 22 3.79 -1.16 23.02
CA ARG A 22 3.79 -1.15 23.03
C ARG A 22 3.67 0.29 22.55
N ILE A 23 2.63 0.59 21.80
CA ILE A 23 2.47 1.91 21.19
C ILE A 23 1.37 2.71 21.91
N GLY A 24 0.41 2.01 22.48
CA GLY A 24 -0.70 2.67 23.14
C GLY A 24 -1.67 1.68 23.73
N SER A 25 -2.31 2.05 24.83
CA SER A 25 -3.20 1.17 25.55
C SER A 25 -4.47 1.91 25.90
N GLY A 26 -5.55 1.15 26.06
CA GLY A 26 -6.80 1.71 26.53
C GLY A 26 -7.39 0.90 27.65
N SER A 27 -8.70 1.01 27.84
CA SER A 27 -9.35 0.19 28.85
C SER A 27 -9.58 -1.25 28.41
N PHE A 28 -9.57 -1.53 27.11
CA PHE A 28 -9.93 -2.87 26.64
C PHE A 28 -8.90 -3.48 25.72
N GLY A 29 -8.28 -2.66 24.88
CA GLY A 29 -7.26 -3.15 23.96
C GLY A 29 -6.01 -2.32 23.97
N THR A 30 -4.93 -2.96 23.50
CA THR A 30 -3.61 -2.37 23.39
C THR A 30 -3.04 -2.69 22.01
N VAL A 31 -2.31 -1.74 21.44
CA VAL A 31 -1.70 -1.91 20.12
C VAL A 31 -0.19 -1.92 20.29
N TYR A 32 0.48 -2.88 19.64
CA TYR A 32 1.92 -3.02 19.70
C TYR A 32 2.50 -2.97 18.30
N LYS A 33 3.80 -2.64 18.23
CA LYS A 33 4.56 -2.85 17.01
C LYS A 33 4.97 -4.31 16.93
N GLY A 34 4.93 -4.87 15.72
CA GLY A 34 5.13 -6.29 15.55
C GLY A 34 5.99 -6.62 14.35
N LYS A 35 6.42 -7.89 14.30
CA LYS A 35 7.22 -8.43 13.20
C LYS A 35 6.46 -9.60 12.59
N TRP A 36 6.02 -9.43 11.34
CA TRP A 36 5.34 -10.49 10.60
C TRP A 36 5.57 -10.21 9.11
N HIS A 37 6.56 -10.87 8.52
CA HIS A 37 7.00 -10.58 7.15
C HIS A 37 7.33 -9.10 6.98
N GLY A 38 8.00 -8.53 7.99
CA GLY A 38 8.26 -7.10 8.02
C GLY A 38 7.60 -6.44 9.21
N ASP A 39 7.41 -5.13 9.15
CA ASP A 39 6.81 -4.38 10.26
C ASP A 39 5.29 -4.40 10.14
N VAL A 40 4.61 -4.68 11.25
CA VAL A 40 3.16 -4.67 11.31
C VAL A 40 2.75 -3.96 12.60
N ALA A 41 1.53 -3.44 12.59
CA ALA A 41 0.92 -2.86 13.78
C ALA A 41 -0.22 -3.79 14.21
N VAL A 42 -0.15 -4.25 15.46
CA VAL A 42 -1.11 -5.21 16.00
C VAL A 42 -1.88 -4.57 17.14
N LYS A 43 -3.20 -4.69 17.12
CA LYS A 43 -4.07 -4.24 18.21
C LYS A 43 -4.75 -5.47 18.81
N MET A 44 -4.58 -5.68 20.11
CA MET A 44 -5.07 -6.86 20.80
C MET A 44 -5.95 -6.48 21.99
N LEU A 45 -6.90 -7.35 22.31
CA LEU A 45 -7.63 -7.25 23.57
C LEU A 45 -6.76 -7.73 24.73
N ASN A 46 -6.86 -7.03 25.85
CA ASN A 46 -6.05 -7.40 27.01
C ASN A 46 -6.48 -8.74 27.61
N VAL A 47 -7.73 -9.13 27.43
CA VAL A 47 -8.28 -10.29 28.11
C VAL A 47 -8.31 -11.46 27.14
N THR A 48 -8.51 -12.67 27.66
CA THR A 48 -8.56 -13.86 26.84
C THR A 48 -9.97 -14.40 26.61
N ALA A 49 -10.84 -14.28 27.60
CA ALA A 49 -12.22 -14.72 27.45
C ALA A 49 -13.09 -13.57 27.00
N PRO A 50 -13.41 -13.47 25.71
CA PRO A 50 -14.13 -12.30 25.21
C PRO A 50 -15.64 -12.48 25.27
N THR A 51 -16.31 -11.39 25.63
CA THR A 51 -17.75 -11.33 25.74
C THR A 51 -18.39 -11.24 24.35
N PRO A 52 -19.67 -11.58 24.24
CA PRO A 52 -20.34 -11.48 22.92
C PRO A 52 -20.19 -10.12 22.26
N GLN A 53 -20.28 -9.05 23.05
CA GLN A 53 -20.07 -7.73 22.46
C GLN A 53 -18.65 -7.58 21.93
N GLN A 54 -17.68 -8.13 22.64
CA GLN A 54 -16.30 -8.07 22.17
C GLN A 54 -16.08 -8.95 20.95
N LEU A 55 -16.63 -10.16 20.95
CA LEU A 55 -16.45 -11.05 19.80
C LEU A 55 -17.11 -10.47 18.57
N GLN A 56 -18.31 -9.91 18.72
CA GLN A 56 -19.02 -9.35 17.58
C GLN A 56 -18.44 -8.02 17.14
N ALA A 57 -17.98 -7.19 18.07
CA ALA A 57 -17.29 -5.97 17.68
C ALA A 57 -15.98 -6.30 16.97
N PHE A 58 -15.35 -7.40 17.34
CA PHE A 58 -14.17 -7.88 16.64
C PHE A 58 -14.52 -8.29 15.21
N LYS A 59 -15.61 -9.04 15.05
CA LYS A 59 -16.08 -9.43 13.71
C LYS A 59 -16.37 -8.21 12.84
N ASN A 60 -17.07 -7.23 13.40
CA ASN A 60 -17.43 -6.04 12.64
C ASN A 60 -16.20 -5.29 12.18
N GLU A 61 -15.24 -5.09 13.09
CA GLU A 61 -14.01 -4.38 12.75
C GLU A 61 -13.28 -5.06 11.60
N VAL A 62 -13.09 -6.37 11.71
CA VAL A 62 -12.46 -7.13 10.63
C VAL A 62 -13.34 -7.10 9.39
N GLY A 63 -14.66 -7.17 9.56
CA GLY A 63 -15.57 -7.24 8.43
C GLY A 63 -15.56 -5.99 7.57
N VAL A 64 -15.34 -4.82 8.17
CA VAL A 64 -15.31 -3.60 7.36
C VAL A 64 -13.90 -3.30 6.86
N LEU A 65 -12.87 -3.82 7.53
CA LEU A 65 -11.50 -3.63 7.09
C LEU A 65 -11.16 -4.54 5.93
N ARG A 66 -11.68 -5.77 5.93
CA ARG A 66 -11.38 -6.67 4.82
C ARG A 66 -12.10 -6.27 3.55
N LYS A 67 -12.89 -5.20 3.55
CA LYS A 67 -13.49 -4.69 2.33
C LYS A 67 -12.73 -3.49 1.76
N THR A 68 -11.58 -3.15 2.32
CA THR A 68 -10.85 -1.95 1.92
C THR A 68 -9.55 -2.34 1.24
N ARG A 69 -9.30 -1.78 0.06
CA ARG A 69 -8.05 -1.96 -0.69
C ARG A 69 -7.81 -0.64 -1.44
N HIS A 70 -7.16 0.29 -0.75
CA HIS A 70 -6.98 1.63 -1.30
C HIS A 70 -5.73 2.23 -0.67
N VAL A 71 -4.99 3.02 -1.46
CA VAL A 71 -3.71 3.54 -1.02
C VAL A 71 -3.84 4.50 0.17
N ASN A 72 -5.02 5.09 0.37
CA ASN A 72 -5.23 6.08 1.41
C ASN A 72 -6.01 5.54 2.60
N ILE A 73 -6.20 4.23 2.69
CA ILE A 73 -6.81 3.59 3.85
C ILE A 73 -5.77 2.69 4.49
N LEU A 74 -5.75 2.65 5.83
CA LEU A 74 -4.83 1.77 6.54
C LEU A 74 -4.96 0.34 6.03
N LEU A 75 -3.84 -0.24 5.62
CA LEU A 75 -3.85 -1.53 4.95
C LEU A 75 -4.11 -2.62 5.98
N PHE A 76 -5.32 -3.20 5.94
CA PHE A 76 -5.62 -4.35 6.76
C PHE A 76 -4.86 -5.56 6.22
N MET A 77 -4.25 -6.32 7.13
CA MET A 77 -3.38 -7.40 6.70
C MET A 77 -3.79 -8.76 7.27
N GLY A 78 -4.51 -8.78 8.38
CA GLY A 78 -4.94 -10.04 8.94
C GLY A 78 -5.41 -9.89 10.38
N TYR A 79 -5.86 -11.02 10.93
CA TYR A 79 -6.37 -11.08 12.28
C TYR A 79 -5.96 -12.41 12.91
N SER A 80 -6.03 -12.47 14.24
CA SER A 80 -5.72 -13.69 14.98
C SER A 80 -6.73 -13.87 16.10
N THR A 81 -7.07 -15.13 16.37
CA THR A 81 -8.07 -15.47 17.38
C THR A 81 -7.49 -16.17 18.60
N LYS A 82 -6.19 -16.45 18.63
CA LYS A 82 -5.60 -17.17 19.77
C LYS A 82 -4.21 -16.64 20.08
N PRO A 83 -3.87 -16.39 21.35
CA PRO A 83 -4.72 -16.47 22.55
C PRO A 83 -5.56 -15.20 22.73
N GLN A 84 -5.32 -14.17 21.93
CA GLN A 84 -6.06 -12.91 22.03
C GLN A 84 -6.67 -12.54 20.69
N LEU A 85 -7.82 -11.88 20.73
CA LEU A 85 -8.40 -11.32 19.51
C LEU A 85 -7.53 -10.16 19.05
N ALA A 86 -6.90 -10.32 17.89
CA ALA A 86 -5.97 -9.32 17.39
C ALA A 86 -6.32 -8.94 15.96
N ILE A 87 -5.93 -7.73 15.57
CA ILE A 87 -6.09 -7.24 14.21
C ILE A 87 -4.75 -6.68 13.76
N VAL A 88 -4.29 -7.10 12.59
CA VAL A 88 -2.96 -6.77 12.11
C VAL A 88 -3.08 -5.84 10.91
N THR A 89 -2.36 -4.73 10.94
CA THR A 89 -2.29 -3.80 9.82
C THR A 89 -0.84 -3.45 9.55
N GLN A 90 -0.64 -2.72 8.45
CA GLN A 90 0.67 -2.22 8.10
C GLN A 90 1.17 -1.25 9.17
N TRP A 91 2.49 -1.09 9.23
CA TRP A 91 3.10 -0.08 10.08
C TRP A 91 3.39 1.15 9.25
N CYS A 92 2.95 2.31 9.73
CA CYS A 92 3.17 3.59 9.08
C CYS A 92 4.15 4.39 9.92
N GLU A 93 5.12 5.01 9.27
CA GLU A 93 6.11 5.80 9.94
C GLU A 93 5.73 7.28 9.90
N GLY A 94 5.89 7.95 11.04
CA GLY A 94 5.55 9.36 11.14
C GLY A 94 4.55 9.64 12.24
N SER A 95 3.61 10.55 11.97
CA SER A 95 2.61 10.91 12.96
C SER A 95 1.39 11.47 12.23
N SER A 96 0.35 11.75 13.00
CA SER A 96 -0.93 12.15 12.44
C SER A 96 -0.90 13.59 11.93
N LEU A 97 -1.90 13.92 11.12
CA LEU A 97 -2.07 15.30 10.67
C LEU A 97 -2.31 16.23 11.85
N TYR A 98 -3.03 15.76 12.87
CA TYR A 98 -3.25 16.54 14.08
C TYR A 98 -1.93 16.89 14.75
N HIS A 99 -1.04 15.91 14.90
CA HIS A 99 0.24 16.16 15.53
C HIS A 99 1.10 17.12 14.70
N HIS A 100 1.02 17.00 13.38
CA HIS A 100 1.78 17.91 12.50
C HIS A 100 1.24 19.33 12.59
N LEU A 101 -0.07 19.49 12.66
CA LEU A 101 -0.69 20.80 12.57
C LEU A 101 -0.75 21.55 13.90
N HIS A 102 -0.78 20.85 15.03
CA HIS A 102 -1.07 21.53 16.29
C HIS A 102 -0.04 21.32 17.40
N ALA A 103 0.93 20.42 17.22
CA ALA A 103 1.96 20.18 18.22
C ALA A 103 3.36 20.39 17.69
N SER A 104 3.67 19.89 16.50
CA SER A 104 5.01 20.02 15.93
C SER A 104 5.21 21.33 15.16
N GLU A 105 4.15 22.15 15.03
CA GLU A 105 4.25 23.44 14.34
C GLU A 105 4.82 23.27 12.93
N THR A 106 4.47 22.17 12.28
CA THR A 106 5.00 21.87 10.95
C THR A 106 4.41 22.82 9.93
N LYS A 107 5.27 23.48 9.16
CA LYS A 107 4.82 24.45 8.17
C LYS A 107 4.72 23.73 6.83
N PHE A 108 3.49 23.41 6.42
CA PHE A 108 3.27 22.81 5.11
C PHE A 108 3.04 23.91 4.08
N GLU A 109 3.60 23.70 2.90
CA GLU A 109 3.33 24.56 1.76
C GLU A 109 1.86 24.48 1.40
N MET A 110 1.35 25.54 0.76
CA MET A 110 -0.04 25.53 0.35
C MET A 110 -0.31 24.39 -0.63
N LYS A 111 0.66 24.08 -1.49
CA LYS A 111 0.53 22.94 -2.39
C LYS A 111 0.42 21.63 -1.61
N LYS A 112 1.18 21.50 -0.52
CA LYS A 112 1.11 20.26 0.25
C LYS A 112 -0.17 20.16 1.04
N LEU A 113 -0.74 21.28 1.48
CA LEU A 113 -2.00 21.25 2.20
C LEU A 113 -3.13 20.79 1.28
N ILE A 114 -3.17 21.30 0.04
CA ILE A 114 -4.19 20.89 -0.91
C ILE A 114 -4.03 19.42 -1.23
N ASP A 115 -2.79 18.94 -1.25
CA ASP A 115 -2.52 17.53 -1.51
C ASP A 115 -3.10 16.64 -0.41
N ILE A 116 -2.89 17.05 0.84
CA ILE A 116 -3.42 16.27 1.97
C ILE A 116 -4.94 16.22 1.91
N ALA A 117 -5.58 17.34 1.58
CA ALA A 117 -7.03 17.35 1.41
C ALA A 117 -7.47 16.46 0.26
N ARG A 118 -6.67 16.43 -0.81
CA ARG A 118 -7.03 15.64 -1.99
C ARG A 118 -6.96 14.14 -1.68
N GLN A 119 -5.86 13.70 -1.07
CA GLN A 119 -5.75 12.31 -0.66
C GLN A 119 -6.84 11.92 0.33
N THR A 120 -7.12 12.80 1.30
CA THR A 120 -8.19 12.53 2.26
C THR A 120 -9.53 12.40 1.55
N ALA A 121 -9.80 13.25 0.56
CA ALA A 121 -11.03 13.11 -0.21
C ALA A 121 -11.05 11.79 -0.97
N ARG A 122 -9.89 11.32 -1.43
CA ARG A 122 -9.83 10.02 -2.12
C ARG A 122 -10.17 8.88 -1.16
N GLY A 123 -9.62 8.92 0.05
CA GLY A 123 -9.93 7.88 1.01
C GLY A 123 -11.38 7.89 1.47
N MET A 124 -11.95 9.08 1.66
CA MET A 124 -13.34 9.16 2.07
C MET A 124 -14.30 8.82 0.93
N ASP A 125 -13.99 9.27 -0.29
CA ASP A 125 -14.81 8.90 -1.44
C ASP A 125 -14.79 7.40 -1.67
N TYR A 126 -13.68 6.74 -1.36
CA TYR A 126 -13.60 5.30 -1.51
C TYR A 126 -14.40 4.57 -0.43
N LEU A 127 -14.28 5.02 0.83
CA LEU A 127 -15.02 4.38 1.91
C LEU A 127 -16.52 4.45 1.69
N HIS A 128 -17.01 5.60 1.21
CA HIS A 128 -18.44 5.76 0.97
C HIS A 128 -18.92 4.92 -0.21
N ALA A 129 -18.07 4.72 -1.22
CA ALA A 129 -18.44 3.86 -2.33
C ALA A 129 -18.63 2.42 -1.87
N LYS A 130 -17.87 2.00 -0.85
CA LYS A 130 -18.02 0.70 -0.22
C LYS A 130 -19.09 0.68 0.86
N SER A 131 -19.93 1.71 0.93
CA SER A 131 -21.00 1.81 1.92
C SER A 131 -20.45 1.71 3.35
N ILE A 132 -19.46 2.56 3.65
CA ILE A 132 -18.79 2.57 4.94
C ILE A 132 -18.78 3.99 5.48
N ILE A 133 -19.48 4.21 6.60
CA ILE A 133 -19.45 5.48 7.32
C ILE A 133 -18.33 5.43 8.36
N HIS A 134 -17.45 6.44 8.34
CA HIS A 134 -16.29 6.43 9.23
C HIS A 134 -16.68 6.70 10.68
N ARG A 135 -17.54 7.69 10.89
CA ARG A 135 -18.08 8.11 12.19
C ARG A 135 -17.06 8.79 13.08
N ASP A 136 -15.78 8.79 12.73
CA ASP A 136 -14.79 9.43 13.57
C ASP A 136 -13.69 10.11 12.74
N LEU A 137 -14.05 10.78 11.65
CA LEU A 137 -13.05 11.40 10.78
C LEU A 137 -12.53 12.66 11.44
N LYS A 138 -11.29 12.61 11.93
CA LYS A 138 -10.66 13.77 12.52
C LYS A 138 -9.18 13.73 12.17
N SER A 139 -8.52 14.89 12.31
CA SER A 139 -7.12 15.02 11.91
C SER A 139 -6.20 14.08 12.68
N ASN A 140 -6.67 13.48 13.77
CA ASN A 140 -5.88 12.51 14.52
C ASN A 140 -5.95 11.12 13.92
N ASN A 141 -6.99 10.83 13.12
CA ASN A 141 -7.12 9.56 12.44
C ASN A 141 -6.66 9.64 10.99
N ILE A 142 -6.06 10.77 10.59
CA ILE A 142 -5.46 10.92 9.28
C ILE A 142 -3.94 10.84 9.50
N PHE A 143 -3.37 9.67 9.24
CA PHE A 143 -1.93 9.48 9.42
C PHE A 143 -1.20 9.95 8.18
N LEU A 144 -0.10 10.67 8.38
CA LEU A 144 0.73 11.09 7.23
C LEU A 144 1.88 10.09 7.13
N HIS A 145 1.66 9.06 6.33
CA HIS A 145 2.65 8.01 6.16
C HIS A 145 3.93 8.55 5.50
N GLU A 146 5.04 8.48 6.23
CA GLU A 146 6.35 8.98 5.75
C GLU A 146 6.26 10.43 5.30
N ASP A 147 5.55 11.25 6.09
CA ASP A 147 5.33 12.68 5.93
C ASP A 147 4.74 13.07 4.59
N ASN A 148 4.11 12.15 3.86
CA ASN A 148 3.67 12.45 2.50
C ASN A 148 2.30 11.87 2.19
N THR A 149 2.12 10.56 2.26
CA THR A 149 0.88 9.93 1.84
C THR A 149 -0.06 9.78 3.02
N VAL A 150 -1.36 9.96 2.76
CA VAL A 150 -2.40 9.95 3.78
C VAL A 150 -2.84 8.52 4.04
N LYS A 151 -2.96 8.15 5.32
CA LYS A 151 -3.53 6.87 5.72
C LYS A 151 -4.68 7.15 6.69
N ILE A 152 -5.92 6.96 6.21
CA ILE A 152 -7.10 7.13 7.05
C ILE A 152 -7.41 5.81 7.75
N GLY A 153 -7.63 5.88 9.05
CA GLY A 153 -7.99 4.73 9.84
C GLY A 153 -8.70 5.18 11.10
N ASP A 154 -8.81 4.27 12.05
CA ASP A 154 -9.33 4.58 13.39
C ASP A 154 -8.23 4.21 14.39
N PHE A 155 -7.32 5.15 14.62
CA PHE A 155 -6.22 4.96 15.55
C PHE A 155 -6.62 5.28 17.00
N GLY A 156 -7.92 5.46 17.26
CA GLY A 156 -8.38 5.71 18.62
C GLY A 156 -8.51 4.44 19.44
N LEU A 157 -8.01 4.50 20.67
CA LEU A 157 -8.21 3.47 21.68
C LEU A 157 -9.21 3.94 22.72
N ALA A 158 -10.23 3.14 22.98
CA ALA A 158 -11.25 3.54 23.95
C ALA A 158 -10.67 3.41 25.36
N THR A 159 -10.83 4.46 26.16
CA THR A 159 -10.44 4.48 27.57
C THR A 159 -11.66 4.93 28.36
N VAL A 160 -12.03 4.17 29.38
CA VAL A 160 -13.26 4.42 30.11
C VAL A 160 -13.25 5.73 30.89
N GLY A 175 -13.53 12.77 22.87
CA GLY A 175 -12.46 13.67 22.44
C GLY A 175 -12.50 13.95 20.95
N SER A 176 -13.72 13.99 20.40
CA SER A 176 -13.99 14.14 18.97
C SER A 176 -15.09 15.17 18.72
N ILE A 177 -15.30 16.05 19.69
CA ILE A 177 -16.40 17.00 19.65
C ILE A 177 -16.24 18.01 18.50
N LEU A 178 -15.00 18.41 18.20
CA LEU A 178 -14.79 19.47 17.23
C LEU A 178 -15.22 19.11 15.81
N TRP A 179 -15.31 17.81 15.50
CA TRP A 179 -15.67 17.34 14.17
C TRP A 179 -17.09 16.79 14.10
N MET A 180 -17.91 17.07 15.10
CA MET A 180 -19.28 16.56 15.15
C MET A 180 -20.24 17.56 14.51
N ALA A 181 -21.06 17.06 13.59
CA ALA A 181 -22.10 17.86 12.98
C ALA A 181 -23.13 18.26 14.03
N PRO A 182 -23.84 19.37 13.81
CA PRO A 182 -24.88 19.77 14.78
C PRO A 182 -25.90 18.68 15.04
N GLU A 183 -26.18 17.81 14.06
CA GLU A 183 -27.10 16.71 14.30
C GLU A 183 -26.44 15.54 15.04
N VAL A 184 -25.12 15.40 14.94
CA VAL A 184 -24.42 14.38 15.72
C VAL A 184 -24.29 14.82 17.17
N ILE A 185 -23.97 16.09 17.40
CA ILE A 185 -23.96 16.66 18.74
C ILE A 185 -25.34 16.58 19.38
N ARG A 186 -26.40 16.83 18.60
CA ARG A 186 -27.75 16.74 19.13
C ARG A 186 -28.09 15.33 19.57
N MET A 187 -27.53 14.32 18.88
CA MET A 187 -27.78 12.91 19.17
C MET A 187 -29.27 12.59 19.18
N PRO A 192 -27.95 9.15 13.93
CA PRO A 192 -27.31 10.47 13.77
C PRO A 192 -26.23 10.47 12.69
N TYR A 193 -25.45 9.39 12.61
CA TYR A 193 -24.32 9.31 11.70
C TYR A 193 -24.73 8.90 10.29
N SER A 194 -24.23 9.63 9.30
CA SER A 194 -24.51 9.32 7.90
C SER A 194 -23.29 9.72 7.07
N PHE A 195 -23.41 9.57 5.75
CA PHE A 195 -22.37 10.08 4.85
C PHE A 195 -22.21 11.58 4.98
N GLN A 196 -23.30 12.28 5.31
CA GLN A 196 -23.27 13.72 5.37
C GLN A 196 -22.55 14.24 6.61
N SER A 197 -22.66 13.53 7.72
CA SER A 197 -21.89 13.89 8.90
C SER A 197 -20.41 13.60 8.71
N ASP A 198 -20.08 12.55 7.95
CA ASP A 198 -18.69 12.33 7.57
C ASP A 198 -18.16 13.47 6.72
N VAL A 199 -19.02 14.03 5.86
CA VAL A 199 -18.64 15.18 5.05
C VAL A 199 -18.38 16.40 5.94
N TYR A 200 -19.21 16.59 6.98
CA TYR A 200 -19.02 17.72 7.88
C TYR A 200 -17.66 17.65 8.56
N ALA A 201 -17.31 16.48 9.11
CA ALA A 201 -16.02 16.32 9.74
C ALA A 201 -14.88 16.57 8.76
N PHE A 202 -15.10 16.24 7.48
CA PHE A 202 -14.12 16.57 6.46
C PHE A 202 -13.99 18.08 6.30
N GLY A 203 -15.10 18.80 6.41
CA GLY A 203 -15.04 20.25 6.34
C GLY A 203 -14.25 20.86 7.50
N ILE A 204 -14.38 20.26 8.69
CA ILE A 204 -13.58 20.71 9.82
C ILE A 204 -12.11 20.34 9.61
N VAL A 205 -11.84 19.18 9.02
CA VAL A 205 -10.47 18.83 8.67
C VAL A 205 -9.94 19.79 7.62
N LEU A 206 -10.78 20.18 6.66
CA LEU A 206 -10.40 21.23 5.73
C LEU A 206 -10.11 22.53 6.45
N TYR A 207 -10.91 22.86 7.47
CA TYR A 207 -10.66 24.07 8.26
C TYR A 207 -9.27 24.02 8.89
N GLU A 208 -8.89 22.88 9.45
CA GLU A 208 -7.58 22.75 10.08
C GLU A 208 -6.46 23.04 9.08
N LEU A 209 -6.55 22.46 7.88
CA LEU A 209 -5.49 22.63 6.89
C LEU A 209 -5.36 24.07 6.44
N MET A 210 -6.50 24.73 6.18
CA MET A 210 -6.47 26.06 5.59
C MET A 210 -6.23 27.17 6.61
N THR A 211 -6.58 26.97 7.88
CA THR A 211 -6.32 27.97 8.91
C THR A 211 -5.13 27.64 9.80
N GLY A 212 -4.73 26.38 9.88
CA GLY A 212 -3.69 25.98 10.81
C GLY A 212 -4.12 25.94 12.26
N GLN A 213 -5.41 26.09 12.54
CA GLN A 213 -5.93 26.16 13.89
C GLN A 213 -7.10 25.19 14.01
N LEU A 214 -7.42 24.83 15.24
CA LEU A 214 -8.65 24.11 15.50
C LEU A 214 -9.82 25.08 15.56
N PRO A 215 -11.03 24.63 15.23
CA PRO A 215 -12.20 25.51 15.35
C PRO A 215 -12.49 25.84 16.80
N TYR A 216 -13.08 27.02 17.01
CA TYR A 216 -13.50 27.49 18.32
C TYR A 216 -12.32 27.60 19.29
N SER A 217 -11.24 28.23 18.80
CA SER A 217 -10.09 28.48 19.65
C SER A 217 -10.42 29.40 20.81
N ASN A 218 -11.44 30.25 20.64
CA ASN A 218 -11.83 31.23 21.63
C ASN A 218 -12.99 30.77 22.51
N ILE A 219 -13.21 29.46 22.61
CA ILE A 219 -14.24 28.91 23.50
C ILE A 219 -13.54 28.19 24.63
N ASN A 220 -13.78 28.65 25.86
CA ASN A 220 -12.98 28.24 27.01
C ASN A 220 -13.21 26.78 27.38
N ASN A 221 -14.44 26.30 27.32
CA ASN A 221 -14.77 24.95 27.74
C ASN A 221 -15.48 24.23 26.62
N ARG A 222 -15.51 22.90 26.73
CA ARG A 222 -16.14 22.07 25.71
C ARG A 222 -17.64 21.95 25.91
N ASP A 223 -18.13 22.06 27.15
CA ASP A 223 -19.57 22.01 27.39
C ASP A 223 -20.28 23.13 26.67
N GLN A 224 -19.63 24.29 26.54
CA GLN A 224 -20.19 25.39 25.75
C GLN A 224 -20.21 25.04 24.27
N ILE A 225 -19.20 24.32 23.78
CA ILE A 225 -19.17 23.93 22.37
C ILE A 225 -20.31 22.99 22.07
N ILE A 226 -20.49 21.98 22.92
CA ILE A 226 -21.56 21.00 22.70
C ILE A 226 -22.91 21.71 22.66
N GLU A 227 -23.13 22.66 23.57
CA GLU A 227 -24.43 23.32 23.66
C GLU A 227 -24.66 24.32 22.53
N MET A 228 -23.68 25.19 22.26
CA MET A 228 -23.90 26.24 21.27
C MET A 228 -23.91 25.67 19.85
N VAL A 229 -23.04 24.71 19.56
CA VAL A 229 -23.05 24.11 18.23
C VAL A 229 -24.35 23.35 17.99
N GLY A 230 -24.86 22.66 19.02
CA GLY A 230 -26.11 21.93 18.87
C GLY A 230 -27.32 22.82 18.63
N ARG A 231 -27.25 24.09 19.04
CA ARG A 231 -28.36 25.00 18.83
C ARG A 231 -28.15 25.90 17.63
N GLY A 232 -27.07 25.70 16.88
CA GLY A 232 -26.84 26.51 15.71
C GLY A 232 -26.29 27.89 15.99
N SER A 233 -26.09 28.24 17.26
CA SER A 233 -25.61 29.57 17.61
C SER A 233 -24.11 29.72 17.49
N LEU A 234 -23.39 28.64 17.19
CA LEU A 234 -21.94 28.69 17.07
C LEU A 234 -21.53 28.02 15.77
N SER A 235 -20.63 28.68 15.04
CA SER A 235 -20.12 28.15 13.79
C SER A 235 -18.65 28.49 13.67
N PRO A 236 -17.86 27.69 12.95
CA PRO A 236 -16.44 28.00 12.80
C PRO A 236 -16.23 29.35 12.10
N ASP A 237 -15.23 30.10 12.59
CA ASP A 237 -14.89 31.39 12.02
C ASP A 237 -14.10 31.16 10.74
N LEU A 238 -14.77 31.25 9.60
CA LEU A 238 -14.13 30.97 8.32
C LEU A 238 -13.15 32.04 7.87
N SER A 239 -13.20 33.23 8.48
CA SER A 239 -12.32 34.33 8.06
C SER A 239 -10.87 34.12 8.49
N LYS A 240 -10.60 33.13 9.34
CA LYS A 240 -9.25 32.90 9.82
C LYS A 240 -8.41 32.10 8.85
N VAL A 241 -8.94 31.86 7.65
CA VAL A 241 -8.19 31.15 6.64
C VAL A 241 -6.99 31.99 6.22
N ARG A 242 -5.90 31.30 5.89
CA ARG A 242 -4.69 31.95 5.41
C ARG A 242 -5.01 32.76 4.16
N SER A 243 -4.23 33.82 3.94
CA SER A 243 -4.53 34.74 2.84
C SER A 243 -4.34 34.08 1.47
N ASN A 244 -3.46 33.08 1.37
CA ASN A 244 -3.21 32.36 0.13
C ASN A 244 -4.13 31.17 -0.07
N CYS A 245 -5.22 31.07 0.70
CA CYS A 245 -6.16 29.96 0.50
C CYS A 245 -6.93 30.17 -0.79
N PRO A 246 -7.03 29.15 -1.64
CA PRO A 246 -7.77 29.31 -2.90
C PRO A 246 -9.22 29.65 -2.65
N LYS A 247 -9.75 30.56 -3.46
CA LYS A 247 -11.12 31.04 -3.27
C LYS A 247 -12.12 29.90 -3.32
N ARG A 248 -11.94 28.96 -4.24
CA ARG A 248 -12.84 27.83 -4.35
C ARG A 248 -12.67 26.81 -3.23
N MET A 249 -11.59 26.90 -2.44
CA MET A 249 -11.48 26.06 -1.25
C MET A 249 -12.28 26.64 -0.10
N LYS A 250 -12.36 27.97 -0.01
CA LYS A 250 -13.26 28.62 0.94
C LYS A 250 -14.70 28.18 0.70
N ARG A 251 -15.16 28.29 -0.55
CA ARG A 251 -16.53 27.92 -0.89
C ARG A 251 -16.82 26.48 -0.51
N LEU A 252 -15.93 25.56 -0.89
CA LEU A 252 -16.17 24.14 -0.62
C LEU A 252 -16.08 23.83 0.86
N MET A 253 -15.25 24.57 1.60
CA MET A 253 -15.20 24.38 3.05
C MET A 253 -16.52 24.77 3.70
N ALA A 254 -17.07 25.93 3.33
CA ALA A 254 -18.33 26.36 3.93
C ALA A 254 -19.48 25.44 3.52
N GLU A 255 -19.41 24.83 2.34
CA GLU A 255 -20.45 23.89 1.92
C GLU A 255 -20.42 22.61 2.74
N CYS A 256 -19.22 22.13 3.08
CA CYS A 256 -19.12 20.90 3.87
C CYS A 256 -19.58 21.11 5.31
N LEU A 257 -19.54 22.35 5.80
CA LEU A 257 -19.93 22.68 7.16
C LEU A 257 -21.35 23.22 7.24
N LYS A 258 -22.15 23.03 6.19
CA LYS A 258 -23.51 23.54 6.16
C LYS A 258 -24.32 22.98 7.33
N LYS A 259 -25.16 23.82 7.93
CA LYS A 259 -25.93 23.39 9.10
C LYS A 259 -26.95 22.33 8.72
N LYS A 260 -27.64 22.52 7.61
CA LYS A 260 -28.58 21.50 7.16
C LYS A 260 -27.84 20.37 6.46
N ARG A 261 -28.22 19.14 6.80
CA ARG A 261 -27.54 17.96 6.30
C ARG A 261 -27.61 17.86 4.78
N ASP A 262 -28.78 18.11 4.20
CA ASP A 262 -29.01 17.97 2.77
C ASP A 262 -28.47 19.15 1.95
N GLU A 263 -27.63 19.99 2.56
CA GLU A 263 -27.00 21.11 1.88
C GLU A 263 -25.50 20.91 1.76
N ARG A 264 -25.01 19.75 2.20
CA ARG A 264 -23.60 19.40 2.13
C ARG A 264 -23.33 18.52 0.91
N PRO A 265 -22.21 18.74 0.22
CA PRO A 265 -21.93 17.96 -0.99
C PRO A 265 -21.48 16.54 -0.65
N SER A 266 -21.63 15.66 -1.63
CA SER A 266 -21.12 14.30 -1.53
C SER A 266 -19.65 14.24 -1.93
N PHE A 267 -18.96 13.23 -1.43
CA PHE A 267 -17.52 13.13 -1.66
C PHE A 267 -17.12 12.99 -3.14
N PRO A 268 -17.92 12.38 -4.04
CA PRO A 268 -17.57 12.45 -5.46
C PRO A 268 -17.33 13.88 -5.94
N ARG A 269 -18.26 14.77 -5.65
CA ARG A 269 -18.13 16.17 -6.12
C ARG A 269 -17.05 16.91 -5.32
N ILE A 270 -16.82 16.49 -4.08
CA ILE A 270 -15.75 17.09 -3.29
C ILE A 270 -14.40 16.75 -3.90
N LEU A 271 -14.19 15.46 -4.18
CA LEU A 271 -12.92 15.02 -4.75
C LEU A 271 -12.67 15.69 -6.10
N ALA A 272 -13.69 15.74 -6.96
CA ALA A 272 -13.51 16.34 -8.28
C ALA A 272 -13.11 17.80 -8.16
N GLU A 273 -13.73 18.53 -7.23
CA GLU A 273 -13.37 19.93 -6.98
C GLU A 273 -11.92 20.08 -6.56
N ILE A 274 -11.46 19.23 -5.64
CA ILE A 274 -10.10 19.37 -5.12
C ILE A 274 -9.09 18.96 -6.19
N GLU A 275 -9.40 17.93 -6.97
CA GLU A 275 -8.47 17.47 -7.99
C GLU A 275 -8.30 18.53 -9.09
N GLU A 276 -9.39 19.17 -9.51
CA GLU A 276 -9.29 20.31 -10.42
C GLU A 276 -8.43 21.40 -9.79
N LEU A 277 -8.71 21.75 -8.54
CA LEU A 277 -7.94 22.77 -7.84
C LEU A 277 -6.46 22.42 -7.81
N ALA A 278 -6.13 21.15 -7.57
CA ALA A 278 -4.73 20.75 -7.50
C ALA A 278 -4.05 20.81 -8.85
N ARG A 279 -4.74 20.37 -9.91
CA ARG A 279 -4.15 20.47 -11.25
C ARG A 279 -4.07 21.93 -11.69
N GLU A 280 -4.89 22.79 -11.09
CA GLU A 280 -4.79 24.22 -11.37
C GLU A 280 -3.62 24.83 -10.61
N LEU A 281 -3.17 24.17 -9.55
CA LEU A 281 -2.01 24.62 -8.78
C LEU A 281 -2.25 25.99 -8.16
N ASP B 8 -15.81 -9.39 -0.49
CA ASP B 8 -15.40 -10.54 -1.26
C ASP B 8 -15.68 -10.36 -2.75
N ASP B 9 -16.45 -9.31 -3.06
CA ASP B 9 -16.77 -8.94 -4.44
C ASP B 9 -15.96 -7.69 -4.76
N TRP B 10 -14.80 -7.89 -5.41
CA TRP B 10 -13.97 -6.79 -5.85
C TRP B 10 -14.28 -6.37 -7.29
N GLU B 11 -15.42 -6.80 -7.83
CA GLU B 11 -15.83 -6.36 -9.15
C GLU B 11 -16.17 -4.89 -9.15
N ILE B 12 -15.76 -4.20 -10.21
CA ILE B 12 -15.97 -2.77 -10.36
C ILE B 12 -16.96 -2.55 -11.51
N PRO B 13 -18.13 -1.97 -11.25
CA PRO B 13 -19.15 -1.88 -12.30
C PRO B 13 -18.70 -1.04 -13.50
N ASP B 14 -19.35 -1.31 -14.63
CA ASP B 14 -19.04 -0.62 -15.88
C ASP B 14 -19.36 0.86 -15.75
N GLY B 15 -18.43 1.70 -16.19
CA GLY B 15 -18.64 3.14 -16.23
C GLY B 15 -18.06 3.93 -15.09
N GLN B 16 -17.42 3.28 -14.12
CA GLN B 16 -16.87 3.97 -12.97
C GLN B 16 -15.42 4.40 -13.18
N ILE B 17 -14.67 3.68 -14.00
CA ILE B 17 -13.26 3.99 -14.22
C ILE B 17 -13.14 4.81 -15.49
N THR B 18 -12.42 5.92 -15.40
CA THR B 18 -12.12 6.73 -16.58
C THR B 18 -10.76 6.26 -17.10
N VAL B 19 -10.77 5.55 -18.22
CA VAL B 19 -9.52 5.08 -18.80
C VAL B 19 -8.79 6.29 -19.36
N GLY B 20 -7.59 6.55 -18.86
CA GLY B 20 -6.86 7.72 -19.28
C GLY B 20 -5.75 7.42 -20.25
N GLN B 21 -4.58 8.03 -20.02
CA GLN B 21 -3.46 7.88 -20.94
C GLN B 21 -3.00 6.43 -20.97
N ARG B 22 -2.53 6.00 -22.15
CA ARG B 22 -1.97 4.67 -22.32
C ARG B 22 -0.48 4.68 -21.99
N ILE B 23 -0.03 3.69 -21.24
CA ILE B 23 1.34 3.66 -20.73
C ILE B 23 2.15 2.47 -21.25
N GLY B 24 1.52 1.37 -21.64
CA GLY B 24 2.26 0.23 -22.15
C GLY B 24 1.39 -0.92 -22.62
N SER B 25 1.78 -1.57 -23.71
CA SER B 25 0.98 -2.67 -24.24
C SER B 25 1.89 -3.72 -24.88
N GLY B 26 1.43 -4.96 -24.83
CA GLY B 26 2.02 -6.05 -25.58
C GLY B 26 0.89 -6.92 -26.12
N SER B 27 1.19 -8.19 -26.37
CA SER B 27 0.11 -9.14 -26.58
C SER B 27 -0.50 -9.50 -25.22
N PHE B 28 -1.78 -9.89 -25.20
CA PHE B 28 -2.55 -10.04 -23.95
C PHE B 28 -2.57 -8.78 -23.10
N GLY B 29 -3.35 -7.83 -23.55
CA GLY B 29 -3.63 -6.72 -22.68
C GLY B 29 -2.79 -5.49 -22.96
N THR B 30 -3.37 -4.38 -22.52
CA THR B 30 -2.81 -3.06 -22.57
C THR B 30 -3.04 -2.46 -21.20
N VAL B 31 -2.10 -1.64 -20.74
CA VAL B 31 -2.20 -1.01 -19.43
C VAL B 31 -2.38 0.50 -19.63
N TYR B 32 -3.33 1.07 -18.89
CA TYR B 32 -3.61 2.50 -18.92
C TYR B 32 -3.54 3.07 -17.51
N LYS B 33 -3.28 4.38 -17.44
CA LYS B 33 -3.51 5.14 -16.23
C LYS B 33 -4.98 5.52 -16.15
N GLY B 34 -5.56 5.44 -14.95
CA GLY B 34 -7.00 5.60 -14.80
C GLY B 34 -7.36 6.39 -13.57
N LYS B 35 -8.64 6.77 -13.52
CA LYS B 35 -9.21 7.52 -12.41
C LYS B 35 -10.32 6.69 -11.78
N TRP B 36 -10.13 6.28 -10.52
CA TRP B 36 -11.17 5.57 -9.78
C TRP B 36 -10.90 5.81 -8.30
N HIS B 37 -11.60 6.80 -7.73
CA HIS B 37 -11.34 7.28 -6.38
C HIS B 37 -9.88 7.67 -6.22
N GLY B 38 -9.36 8.34 -7.26
CA GLY B 38 -7.95 8.65 -7.34
C GLY B 38 -7.28 7.99 -8.53
N ASP B 39 -5.95 7.88 -8.48
CA ASP B 39 -5.17 7.33 -9.57
C ASP B 39 -5.05 5.81 -9.46
N VAL B 40 -5.31 5.12 -10.56
CA VAL B 40 -5.20 3.66 -10.63
C VAL B 40 -4.52 3.26 -11.94
N ALA B 41 -3.99 2.04 -11.94
CA ALA B 41 -3.44 1.41 -13.13
C ALA B 41 -4.40 0.32 -13.58
N VAL B 42 -4.85 0.40 -14.83
CA VAL B 42 -5.83 -0.53 -15.36
C VAL B 42 -5.16 -1.32 -16.48
N LYS B 43 -5.29 -2.64 -16.42
CA LYS B 43 -4.82 -3.53 -17.47
C LYS B 43 -6.03 -4.25 -18.06
N MET B 44 -6.26 -4.07 -19.36
CA MET B 44 -7.41 -4.67 -20.01
C MET B 44 -6.95 -5.51 -21.18
N LEU B 45 -7.72 -6.54 -21.48
CA LEU B 45 -7.50 -7.32 -22.69
C LEU B 45 -7.89 -6.50 -23.92
N ASN B 46 -7.13 -6.67 -25.01
CA ASN B 46 -7.38 -5.88 -26.20
C ASN B 46 -8.73 -6.21 -26.85
N VAL B 47 -9.23 -7.43 -26.67
CA VAL B 47 -10.43 -7.90 -27.31
C VAL B 47 -11.56 -8.01 -26.29
N THR B 48 -12.77 -8.22 -26.80
CA THR B 48 -13.95 -8.47 -25.98
C THR B 48 -14.32 -9.94 -25.93
N ALA B 49 -14.05 -10.71 -27.00
CA ALA B 49 -14.26 -12.14 -27.00
C ALA B 49 -12.95 -12.85 -26.63
N PRO B 50 -12.77 -13.24 -25.38
CA PRO B 50 -11.50 -13.83 -24.95
C PRO B 50 -11.46 -15.34 -25.09
N THR B 51 -10.28 -15.85 -25.42
CA THR B 51 -10.12 -17.28 -25.56
C THR B 51 -10.12 -17.93 -24.17
N PRO B 52 -10.47 -19.21 -24.09
CA PRO B 52 -10.46 -19.88 -22.77
C PRO B 52 -9.15 -19.75 -22.01
N GLN B 53 -8.01 -19.87 -22.70
CA GLN B 53 -6.72 -19.68 -22.04
C GLN B 53 -6.58 -18.25 -21.53
N GLN B 54 -7.10 -17.27 -22.28
CA GLN B 54 -7.07 -15.89 -21.82
C GLN B 54 -7.96 -15.71 -20.59
N LEU B 55 -9.13 -16.35 -20.60
CA LEU B 55 -10.05 -16.26 -19.49
C LEU B 55 -9.48 -16.90 -18.23
N GLN B 56 -8.79 -18.03 -18.38
CA GLN B 56 -8.23 -18.72 -17.21
C GLN B 56 -7.05 -17.95 -16.63
N ALA B 57 -6.26 -17.30 -17.48
CA ALA B 57 -5.20 -16.43 -16.99
C ALA B 57 -5.76 -15.23 -16.24
N PHE B 58 -6.95 -14.77 -16.62
CA PHE B 58 -7.62 -13.71 -15.87
C PHE B 58 -8.02 -14.19 -14.48
N LYS B 59 -8.66 -15.35 -14.42
CA LYS B 59 -9.04 -15.93 -13.12
C LYS B 59 -7.81 -16.13 -12.23
N ASN B 60 -6.74 -16.68 -12.80
CA ASN B 60 -5.54 -16.95 -12.01
C ASN B 60 -4.91 -15.66 -11.49
N GLU B 61 -4.73 -14.67 -12.37
CA GLU B 61 -4.09 -13.42 -11.94
C GLU B 61 -4.88 -12.75 -10.82
N VAL B 62 -6.21 -12.64 -10.97
CA VAL B 62 -7.03 -12.11 -9.89
C VAL B 62 -6.96 -13.03 -8.67
N GLY B 63 -6.92 -14.34 -8.90
CA GLY B 63 -6.96 -15.28 -7.78
C GLY B 63 -5.77 -15.18 -6.86
N VAL B 64 -4.60 -14.85 -7.39
CA VAL B 64 -3.42 -14.66 -6.56
C VAL B 64 -3.27 -13.21 -6.11
N LEU B 65 -3.90 -12.26 -6.81
CA LEU B 65 -3.79 -10.86 -6.41
C LEU B 65 -4.68 -10.57 -5.21
N ARG B 66 -5.86 -11.17 -5.18
CA ARG B 66 -6.80 -11.04 -4.06
C ARG B 66 -6.39 -11.86 -2.85
N LYS B 67 -5.24 -12.54 -2.93
CA LYS B 67 -4.63 -13.27 -1.84
C LYS B 67 -3.51 -12.49 -1.17
N THR B 68 -3.25 -11.26 -1.62
CA THR B 68 -2.10 -10.48 -1.17
C THR B 68 -2.54 -9.20 -0.48
N ARG B 69 -1.96 -8.95 0.70
CA ARG B 69 -2.16 -7.71 1.45
C ARG B 69 -0.85 -7.41 2.17
N HIS B 70 0.04 -6.70 1.46
CA HIS B 70 1.38 -6.41 1.98
C HIS B 70 1.89 -5.12 1.36
N VAL B 71 2.64 -4.35 2.15
CA VAL B 71 3.10 -3.04 1.70
C VAL B 71 4.09 -3.16 0.55
N ASN B 72 4.74 -4.31 0.39
CA ASN B 72 5.74 -4.51 -0.65
C ASN B 72 5.22 -5.35 -1.81
N ILE B 73 3.91 -5.58 -1.86
CA ILE B 73 3.25 -6.19 -3.00
C ILE B 73 2.34 -5.15 -3.62
N LEU B 74 2.34 -5.08 -4.95
CA LEU B 74 1.49 -4.13 -5.67
C LEU B 74 0.03 -4.32 -5.26
N LEU B 75 -0.61 -3.22 -4.88
CA LEU B 75 -1.93 -3.27 -4.27
C LEU B 75 -2.98 -3.59 -5.33
N PHE B 76 -3.51 -4.81 -5.28
CA PHE B 76 -4.67 -5.18 -6.09
C PHE B 76 -5.92 -4.50 -5.53
N MET B 77 -6.73 -3.92 -6.42
CA MET B 77 -7.87 -3.12 -6.02
C MET B 77 -9.21 -3.59 -6.58
N GLY B 78 -9.22 -4.32 -7.69
CA GLY B 78 -10.46 -4.80 -8.24
C GLY B 78 -10.29 -5.24 -9.68
N TYR B 79 -11.39 -5.72 -10.24
CA TYR B 79 -11.42 -6.19 -11.62
C TYR B 79 -12.74 -5.79 -12.24
N SER B 80 -12.75 -5.78 -13.57
CA SER B 80 -13.95 -5.44 -14.32
C SER B 80 -14.07 -6.41 -15.48
N THR B 81 -15.30 -6.84 -15.76
CA THR B 81 -15.55 -7.86 -16.75
C THR B 81 -16.29 -7.35 -17.98
N LYS B 82 -16.68 -6.08 -18.00
CA LYS B 82 -17.42 -5.52 -19.10
C LYS B 82 -16.97 -4.08 -19.32
N PRO B 83 -16.74 -3.69 -20.58
CA PRO B 83 -16.91 -4.53 -21.78
C PRO B 83 -15.70 -5.45 -22.02
N GLN B 84 -14.61 -5.21 -21.30
CA GLN B 84 -13.41 -6.01 -21.42
C GLN B 84 -12.97 -6.50 -20.04
N LEU B 85 -12.30 -7.66 -20.04
CA LEU B 85 -11.71 -8.16 -18.81
C LEU B 85 -10.57 -7.25 -18.39
N ALA B 86 -10.70 -6.62 -17.22
CA ALA B 86 -9.74 -5.65 -16.75
C ALA B 86 -9.33 -5.98 -15.31
N ILE B 87 -8.14 -5.52 -14.93
CA ILE B 87 -7.62 -5.63 -13.57
C ILE B 87 -7.10 -4.27 -13.14
N VAL B 88 -7.53 -3.82 -11.96
CA VAL B 88 -7.21 -2.50 -11.45
C VAL B 88 -6.29 -2.65 -10.25
N THR B 89 -5.20 -1.89 -10.26
CA THR B 89 -4.27 -1.81 -9.14
C THR B 89 -3.99 -0.35 -8.83
N GLN B 90 -3.27 -0.12 -7.73
CA GLN B 90 -2.87 1.22 -7.37
C GLN B 90 -1.94 1.80 -8.42
N TRP B 91 -1.84 3.12 -8.45
CA TRP B 91 -0.89 3.81 -9.31
C TRP B 91 0.37 4.16 -8.52
N CYS B 92 1.51 3.79 -9.08
CA CYS B 92 2.81 4.06 -8.51
C CYS B 92 3.58 5.04 -9.39
N GLU B 93 4.23 6.02 -8.76
CA GLU B 93 5.06 6.99 -9.45
C GLU B 93 6.53 6.58 -9.33
N GLY B 94 7.29 6.75 -10.41
CA GLY B 94 8.70 6.41 -10.43
C GLY B 94 9.03 5.47 -11.58
N SER B 95 9.89 4.50 -11.30
CA SER B 95 10.32 3.54 -12.31
C SER B 95 10.80 2.28 -11.59
N SER B 96 11.18 1.27 -12.39
CA SER B 96 11.59 -0.01 -11.85
C SER B 96 13.00 0.07 -11.28
N LEU B 97 13.36 -0.95 -10.51
CA LEU B 97 14.75 -1.07 -10.04
C LEU B 97 15.70 -1.24 -11.22
N TYR B 98 15.27 -2.00 -12.25
CA TYR B 98 16.09 -2.19 -13.43
C TYR B 98 16.39 -0.86 -14.11
N HIS B 99 15.37 -0.02 -14.27
CA HIS B 99 15.59 1.29 -14.89
C HIS B 99 16.52 2.15 -14.04
N HIS B 100 16.42 2.04 -12.73
CA HIS B 100 17.32 2.81 -11.85
C HIS B 100 18.75 2.32 -11.96
N LEU B 101 18.94 1.01 -12.01
CA LEU B 101 20.29 0.45 -11.92
C LEU B 101 21.00 0.38 -13.27
N HIS B 102 20.25 0.24 -14.36
CA HIS B 102 20.82 -0.09 -15.65
C HIS B 102 20.48 0.87 -16.78
N ALA B 103 19.57 1.82 -16.55
CA ALA B 103 19.23 2.76 -17.60
C ALA B 103 19.44 4.21 -17.18
N SER B 104 18.96 4.60 -16.02
CA SER B 104 19.10 5.98 -15.55
C SER B 104 20.40 6.23 -14.79
N GLU B 105 21.21 5.19 -14.60
CA GLU B 105 22.48 5.29 -13.89
C GLU B 105 22.30 5.89 -12.49
N THR B 106 21.21 5.52 -11.84
CA THR B 106 20.92 6.03 -10.51
C THR B 106 21.90 5.41 -9.51
N LYS B 107 22.62 6.29 -8.78
CA LYS B 107 23.60 5.88 -7.78
C LYS B 107 22.97 5.86 -6.40
N PHE B 108 22.73 4.67 -5.88
CA PHE B 108 22.21 4.45 -4.54
C PHE B 108 23.36 4.30 -3.55
N GLU B 109 23.24 4.91 -2.38
CA GLU B 109 24.17 4.58 -1.30
C GLU B 109 23.93 3.14 -0.86
N MET B 110 24.97 2.55 -0.26
CA MET B 110 24.89 1.16 0.18
C MET B 110 23.75 0.95 1.18
N LYS B 111 23.47 1.93 2.04
CA LYS B 111 22.35 1.81 2.96
C LYS B 111 21.03 1.70 2.20
N LYS B 112 20.91 2.41 1.08
CA LYS B 112 19.69 2.35 0.27
C LYS B 112 19.61 1.03 -0.48
N LEU B 113 20.75 0.48 -0.92
CA LEU B 113 20.75 -0.78 -1.63
C LEU B 113 20.31 -1.93 -0.73
N ILE B 114 20.81 -1.97 0.51
CA ILE B 114 20.40 -3.01 1.45
C ILE B 114 18.92 -2.87 1.80
N ASP B 115 18.42 -1.63 1.89
CA ASP B 115 17.01 -1.44 2.23
C ASP B 115 16.11 -1.97 1.11
N ILE B 116 16.48 -1.71 -0.15
CA ILE B 116 15.71 -2.24 -1.28
C ILE B 116 15.71 -3.77 -1.24
N ALA B 117 16.87 -4.37 -0.94
CA ALA B 117 16.93 -5.83 -0.80
C ALA B 117 16.08 -6.31 0.35
N ARG B 118 16.01 -5.54 1.45
CA ARG B 118 15.22 -5.94 2.61
C ARG B 118 13.72 -5.92 2.30
N GLN B 119 13.25 -4.83 1.69
CA GLN B 119 11.84 -4.74 1.34
C GLN B 119 11.45 -5.84 0.36
N THR B 120 12.31 -6.10 -0.64
CA THR B 120 12.04 -7.18 -1.58
C THR B 120 11.98 -8.52 -0.87
N ALA B 121 12.88 -8.74 0.10
CA ALA B 121 12.84 -9.98 0.87
C ALA B 121 11.55 -10.09 1.68
N ARG B 122 11.02 -8.96 2.15
CA ARG B 122 9.76 -8.99 2.91
C ARG B 122 8.61 -9.40 2.00
N GLY B 123 8.52 -8.82 0.80
CA GLY B 123 7.45 -9.18 -0.11
C GLY B 123 7.53 -10.61 -0.61
N MET B 124 8.75 -11.07 -0.89
CA MET B 124 8.93 -12.44 -1.35
C MET B 124 8.68 -13.44 -0.22
N ASP B 125 9.12 -13.10 1.00
CA ASP B 125 8.78 -13.93 2.14
C ASP B 125 7.28 -13.98 2.38
N TYR B 126 6.58 -12.89 2.05
CA TYR B 126 5.13 -12.88 2.21
C TYR B 126 4.46 -13.75 1.14
N LEU B 127 4.92 -13.63 -0.11
CA LEU B 127 4.33 -14.41 -1.20
C LEU B 127 4.50 -15.91 -0.96
N HIS B 128 5.67 -16.33 -0.48
CA HIS B 128 5.88 -17.74 -0.23
C HIS B 128 5.05 -18.23 0.95
N ALA B 129 4.83 -17.36 1.95
CA ALA B 129 3.97 -17.73 3.06
C ALA B 129 2.53 -17.95 2.60
N LYS B 130 2.09 -17.19 1.61
CA LYS B 130 0.77 -17.38 1.04
C LYS B 130 0.74 -18.44 -0.05
N SER B 131 1.79 -19.26 -0.14
CA SER B 131 1.88 -20.33 -1.13
C SER B 131 1.72 -19.78 -2.55
N ILE B 132 2.53 -18.78 -2.88
CA ILE B 132 2.48 -18.11 -4.17
C ILE B 132 3.90 -18.10 -4.73
N ILE B 133 4.10 -18.81 -5.84
CA ILE B 133 5.37 -18.73 -6.56
C ILE B 133 5.24 -17.59 -7.56
N HIS B 134 6.21 -16.67 -7.53
CA HIS B 134 6.13 -15.50 -8.40
C HIS B 134 6.40 -15.87 -9.85
N ARG B 135 7.38 -16.76 -10.08
CA ARG B 135 7.78 -17.28 -11.39
C ARG B 135 8.49 -16.30 -12.32
N ASP B 136 8.44 -15.00 -12.04
CA ASP B 136 9.09 -14.03 -12.92
C ASP B 136 9.69 -12.85 -12.15
N LEU B 137 10.40 -13.14 -11.06
CA LEU B 137 11.02 -12.10 -10.26
C LEU B 137 12.28 -11.60 -10.95
N LYS B 138 12.23 -10.36 -11.46
CA LYS B 138 13.38 -9.69 -12.03
C LYS B 138 13.31 -8.21 -11.67
N SER B 139 14.46 -7.53 -11.77
CA SER B 139 14.55 -6.15 -11.32
C SER B 139 13.59 -5.23 -12.05
N ASN B 140 12.99 -5.68 -13.15
CA ASN B 140 11.99 -4.88 -13.85
C ASN B 140 10.60 -5.01 -13.22
N ASN B 141 10.37 -6.07 -12.46
CA ASN B 141 9.12 -6.26 -11.74
C ASN B 141 9.21 -5.87 -10.27
N ILE B 142 10.31 -5.27 -9.86
CA ILE B 142 10.46 -4.65 -8.55
C ILE B 142 10.35 -3.16 -8.77
N PHE B 143 9.18 -2.59 -8.51
CA PHE B 143 8.95 -1.17 -8.70
C PHE B 143 9.38 -0.39 -7.46
N LEU B 144 10.08 0.72 -7.67
CA LEU B 144 10.50 1.61 -6.60
C LEU B 144 9.48 2.75 -6.52
N HIS B 145 8.47 2.56 -5.69
CA HIS B 145 7.40 3.54 -5.55
C HIS B 145 7.97 4.81 -4.95
N GLU B 146 7.94 5.89 -5.74
CA GLU B 146 8.50 7.16 -5.32
C GLU B 146 9.98 7.03 -4.97
N ASP B 147 10.67 6.16 -5.71
CA ASP B 147 12.11 5.96 -5.53
C ASP B 147 12.46 5.55 -4.10
N ASN B 148 11.49 4.95 -3.42
CA ASN B 148 11.69 4.67 -2.00
C ASN B 148 11.18 3.31 -1.57
N THR B 149 9.86 3.08 -1.66
CA THR B 149 9.26 1.85 -1.18
C THR B 149 9.11 0.85 -2.32
N VAL B 150 9.35 -0.42 -2.02
CA VAL B 150 9.35 -1.47 -3.04
C VAL B 150 7.93 -1.98 -3.22
N LYS B 151 7.51 -2.08 -4.49
CA LYS B 151 6.24 -2.71 -4.87
C LYS B 151 6.55 -3.83 -5.84
N ILE B 152 6.39 -5.06 -5.39
CA ILE B 152 6.64 -6.23 -6.22
C ILE B 152 5.36 -6.57 -6.99
N GLY B 153 5.50 -6.81 -8.28
CA GLY B 153 4.37 -7.24 -9.08
C GLY B 153 4.85 -7.99 -10.31
N ASP B 154 3.96 -8.22 -11.26
CA ASP B 154 4.35 -8.81 -12.54
C ASP B 154 3.89 -7.82 -13.60
N PHE B 155 4.77 -6.86 -13.90
CA PHE B 155 4.49 -5.81 -14.87
C PHE B 155 4.69 -6.27 -16.30
N GLY B 156 4.86 -7.56 -16.54
CA GLY B 156 5.03 -8.04 -17.88
C GLY B 156 3.69 -8.09 -18.59
N LEU B 157 3.63 -7.55 -19.80
CA LEU B 157 2.47 -7.68 -20.68
C LEU B 157 2.74 -8.80 -21.67
N ALA B 158 3.31 -9.86 -21.10
CA ALA B 158 3.84 -11.01 -21.80
C ALA B 158 2.71 -11.85 -22.41
N THR B 159 3.04 -12.49 -23.51
CA THR B 159 2.05 -13.32 -24.18
C THR B 159 1.82 -14.58 -23.33
N VAL B 160 0.56 -14.77 -22.91
CA VAL B 160 0.13 -15.89 -22.10
C VAL B 160 0.10 -17.14 -22.97
N LYS B 161 0.40 -18.29 -22.37
CA LYS B 161 0.35 -19.59 -23.05
C LYS B 161 -0.89 -19.81 -23.91
N SER B 162 -0.74 -20.50 -25.05
CA SER B 162 -1.90 -20.91 -25.83
C SER B 162 -2.31 -22.33 -25.42
N ARG B 163 -3.02 -23.02 -26.30
CA ARG B 163 -3.34 -24.42 -26.07
C ARG B 163 -2.20 -25.34 -26.51
N TRP B 164 -1.08 -24.81 -27.01
CA TRP B 164 -0.03 -25.65 -27.56
C TRP B 164 1.34 -24.98 -27.52
N SER B 165 1.59 -24.17 -26.49
CA SER B 165 2.91 -23.58 -26.27
C SER B 165 3.65 -24.40 -25.23
N GLY B 166 4.90 -24.72 -25.51
CA GLY B 166 5.72 -25.49 -24.59
C GLY B 166 7.10 -24.87 -24.38
N LEU B 173 10.50 -14.86 -22.79
CA LEU B 173 11.43 -15.34 -21.76
C LEU B 173 12.77 -14.64 -21.87
N SER B 174 13.13 -14.26 -23.11
CA SER B 174 14.41 -13.62 -23.40
C SER B 174 14.70 -12.43 -22.51
N GLY B 175 13.69 -11.84 -21.90
CA GLY B 175 13.96 -10.84 -20.89
C GLY B 175 13.82 -11.36 -19.48
N SER B 176 14.07 -12.65 -19.28
CA SER B 176 14.06 -13.19 -17.92
C SER B 176 15.08 -14.30 -17.78
N ILE B 177 15.95 -14.49 -18.78
CA ILE B 177 16.89 -15.61 -18.76
C ILE B 177 17.94 -15.39 -17.68
N LEU B 178 18.32 -14.15 -17.43
CA LEU B 178 19.37 -13.85 -16.47
C LEU B 178 18.95 -14.23 -15.05
N TRP B 179 17.65 -14.32 -14.78
CA TRP B 179 17.15 -14.66 -13.46
C TRP B 179 16.61 -16.09 -13.39
N MET B 180 16.88 -16.93 -14.39
CA MET B 180 16.35 -18.28 -14.43
C MET B 180 17.32 -19.26 -13.80
N ALA B 181 16.82 -20.07 -12.86
CA ALA B 181 17.66 -21.09 -12.26
C ALA B 181 18.05 -22.13 -13.30
N PRO B 182 19.19 -22.81 -13.11
CA PRO B 182 19.61 -23.83 -14.09
C PRO B 182 18.59 -24.93 -14.32
N GLU B 183 17.79 -25.27 -13.31
CA GLU B 183 16.76 -26.29 -13.52
C GLU B 183 15.55 -25.74 -14.25
N VAL B 184 15.33 -24.42 -14.18
CA VAL B 184 14.26 -23.81 -14.97
C VAL B 184 14.66 -23.75 -16.43
N ILE B 185 15.94 -23.47 -16.69
CA ILE B 185 16.45 -23.50 -18.06
C ILE B 185 16.34 -24.90 -18.64
N ARG B 186 16.71 -25.91 -17.86
CA ARG B 186 16.65 -27.28 -18.35
C ARG B 186 15.22 -27.71 -18.63
N MET B 187 14.26 -27.22 -17.84
CA MET B 187 12.84 -27.50 -18.04
C MET B 187 12.57 -29.00 -18.13
N GLN B 188 13.24 -29.77 -17.28
CA GLN B 188 13.10 -31.22 -17.29
C GLN B 188 12.34 -31.70 -16.06
N PRO B 192 9.45 -27.24 -12.43
CA PRO B 192 10.57 -26.33 -12.67
C PRO B 192 10.48 -25.07 -11.81
N TYR B 193 9.30 -24.46 -11.75
CA TYR B 193 9.09 -23.27 -10.93
C TYR B 193 8.74 -23.71 -9.51
N SER B 194 9.48 -23.22 -8.53
CA SER B 194 9.28 -23.56 -7.13
C SER B 194 9.70 -22.38 -6.27
N PHE B 195 9.63 -22.57 -4.95
CA PHE B 195 10.15 -21.56 -4.05
C PHE B 195 11.64 -21.36 -4.24
N GLN B 196 12.38 -22.41 -4.61
CA GLN B 196 13.82 -22.28 -4.79
C GLN B 196 14.17 -21.57 -6.10
N SER B 197 13.35 -21.71 -7.14
CA SER B 197 13.60 -20.94 -8.35
C SER B 197 13.34 -19.45 -8.13
N ASP B 198 12.35 -19.13 -7.29
CA ASP B 198 12.16 -17.75 -6.87
C ASP B 198 13.35 -17.26 -6.03
N VAL B 199 13.91 -18.15 -5.21
CA VAL B 199 15.08 -17.77 -4.40
C VAL B 199 16.28 -17.49 -5.31
N TYR B 200 16.47 -18.29 -6.35
CA TYR B 200 17.59 -18.07 -7.27
C TYR B 200 17.47 -16.71 -7.94
N ALA B 201 16.29 -16.40 -8.48
CA ALA B 201 16.09 -15.10 -9.13
C ALA B 201 16.33 -13.95 -8.16
N PHE B 202 16.04 -14.16 -6.88
CA PHE B 202 16.31 -13.14 -5.87
C PHE B 202 17.81 -12.92 -5.71
N GLY B 203 18.60 -13.99 -5.77
CA GLY B 203 20.05 -13.86 -5.69
C GLY B 203 20.62 -13.05 -6.84
N ILE B 204 20.05 -13.22 -8.04
CA ILE B 204 20.48 -12.41 -9.18
C ILE B 204 20.10 -10.96 -8.97
N VAL B 205 18.95 -10.71 -8.33
CA VAL B 205 18.58 -9.35 -7.95
C VAL B 205 19.54 -8.81 -6.92
N LEU B 206 19.96 -9.64 -5.97
CA LEU B 206 21.01 -9.23 -5.03
C LEU B 206 22.29 -8.88 -5.78
N TYR B 207 22.62 -9.68 -6.80
CA TYR B 207 23.81 -9.42 -7.61
C TYR B 207 23.73 -8.05 -8.27
N GLU B 208 22.57 -7.69 -8.83
CA GLU B 208 22.40 -6.40 -9.46
C GLU B 208 22.68 -5.26 -8.47
N LEU B 209 22.11 -5.38 -7.27
CA LEU B 209 22.26 -4.31 -6.29
C LEU B 209 23.70 -4.17 -5.82
N MET B 210 24.37 -5.29 -5.54
CA MET B 210 25.68 -5.25 -4.93
C MET B 210 26.79 -5.01 -5.93
N THR B 211 26.59 -5.41 -7.18
CA THR B 211 27.60 -5.20 -8.22
C THR B 211 27.30 -4.01 -9.12
N GLY B 212 26.04 -3.57 -9.17
CA GLY B 212 25.67 -2.54 -10.11
C GLY B 212 25.60 -3.00 -11.54
N GLN B 213 25.66 -4.32 -11.77
CA GLN B 213 25.67 -4.86 -13.12
C GLN B 213 24.66 -6.00 -13.24
N LEU B 214 24.32 -6.29 -14.49
CA LEU B 214 23.62 -7.51 -14.84
C LEU B 214 24.64 -8.65 -14.92
N PRO B 215 24.22 -9.88 -14.62
CA PRO B 215 25.13 -11.01 -14.77
C PRO B 215 25.45 -11.28 -16.24
N TYR B 216 26.61 -11.87 -16.44
CA TYR B 216 27.07 -12.26 -17.78
C TYR B 216 27.20 -11.05 -18.70
N SER B 217 27.78 -9.96 -18.17
CA SER B 217 28.04 -8.78 -18.98
C SER B 217 29.08 -9.05 -20.06
N ASN B 218 29.96 -10.04 -19.86
CA ASN B 218 30.99 -10.38 -20.82
C ASN B 218 30.57 -11.50 -21.76
N ILE B 219 29.28 -11.76 -21.88
CA ILE B 219 28.76 -12.80 -22.77
C ILE B 219 27.98 -12.10 -23.88
N ASN B 220 28.40 -12.32 -25.12
CA ASN B 220 27.89 -11.48 -26.22
C ASN B 220 26.40 -11.72 -26.48
N ASN B 221 25.96 -12.98 -26.45
CA ASN B 221 24.60 -13.31 -26.85
C ASN B 221 23.90 -14.13 -25.78
N ARG B 222 22.57 -14.20 -25.94
CA ARG B 222 21.71 -14.87 -24.96
C ARG B 222 21.66 -16.38 -25.14
N ASP B 223 21.80 -16.87 -26.37
CA ASP B 223 21.80 -18.32 -26.60
C ASP B 223 22.96 -19.01 -25.91
N GLN B 224 24.11 -18.35 -25.82
CA GLN B 224 25.23 -18.93 -25.08
C GLN B 224 24.90 -19.03 -23.59
N ILE B 225 24.17 -18.06 -23.06
CA ILE B 225 23.79 -18.09 -21.65
C ILE B 225 22.85 -19.25 -21.37
N ILE B 226 21.84 -19.44 -22.21
CA ILE B 226 20.82 -20.47 -21.96
C ILE B 226 21.47 -21.85 -21.85
N GLU B 227 22.31 -22.19 -22.81
CA GLU B 227 22.92 -23.51 -22.84
C GLU B 227 24.00 -23.68 -21.78
N MET B 228 24.83 -22.65 -21.57
CA MET B 228 25.94 -22.75 -20.63
C MET B 228 25.48 -22.75 -19.18
N VAL B 229 24.51 -21.88 -18.84
CA VAL B 229 23.99 -21.86 -17.47
C VAL B 229 23.22 -23.13 -17.17
N GLY B 230 22.46 -23.62 -18.15
CA GLY B 230 21.72 -24.86 -17.99
C GLY B 230 22.60 -26.08 -17.85
N ARG B 231 23.86 -26.00 -18.27
CA ARG B 231 24.81 -27.11 -18.20
C ARG B 231 25.83 -26.97 -17.08
N GLY B 232 25.72 -25.94 -16.24
CA GLY B 232 26.60 -25.77 -15.12
C GLY B 232 27.96 -25.16 -15.42
N SER B 233 28.26 -24.83 -16.67
CA SER B 233 29.55 -24.23 -17.01
C SER B 233 29.59 -22.73 -16.79
N LEU B 234 28.47 -22.11 -16.42
CA LEU B 234 28.39 -20.67 -16.25
C LEU B 234 27.75 -20.31 -14.92
N SER B 235 28.33 -19.34 -14.21
CA SER B 235 27.83 -18.80 -12.97
C SER B 235 28.15 -17.31 -12.94
N PRO B 236 27.35 -16.50 -12.26
CA PRO B 236 27.65 -15.08 -12.15
C PRO B 236 29.00 -14.85 -11.46
N ASP B 237 29.73 -13.85 -11.95
CA ASP B 237 31.04 -13.50 -11.40
C ASP B 237 30.83 -12.72 -10.10
N LEU B 238 30.96 -13.41 -8.96
CA LEU B 238 30.75 -12.79 -7.67
C LEU B 238 31.85 -11.81 -7.30
N SER B 239 32.98 -11.85 -8.00
CA SER B 239 34.10 -10.98 -7.68
C SER B 239 33.84 -9.53 -8.04
N LYS B 240 32.76 -9.22 -8.74
CA LYS B 240 32.45 -7.87 -9.18
C LYS B 240 31.68 -7.05 -8.15
N VAL B 241 31.49 -7.56 -6.93
CA VAL B 241 30.77 -6.79 -5.91
C VAL B 241 31.58 -5.57 -5.51
N ARG B 242 30.89 -4.48 -5.18
CA ARG B 242 31.58 -3.31 -4.69
C ARG B 242 32.29 -3.61 -3.37
N SER B 243 33.35 -2.85 -3.10
CA SER B 243 34.19 -3.12 -1.94
C SER B 243 33.45 -2.83 -0.64
N ASN B 244 32.50 -1.89 -0.65
CA ASN B 244 31.75 -1.59 0.57
C ASN B 244 30.54 -2.51 0.75
N CYS B 245 30.47 -3.58 -0.04
CA CYS B 245 29.40 -4.56 0.11
C CYS B 245 29.60 -5.37 1.39
N PRO B 246 28.58 -5.53 2.22
CA PRO B 246 28.77 -6.27 3.48
C PRO B 246 29.18 -7.72 3.23
N LYS B 247 30.13 -8.19 4.05
CA LYS B 247 30.69 -9.53 3.88
C LYS B 247 29.62 -10.60 3.99
N ARG B 248 28.69 -10.47 4.94
CA ARG B 248 27.63 -11.46 5.08
C ARG B 248 26.60 -11.37 3.97
N MET B 249 26.65 -10.31 3.16
CA MET B 249 25.81 -10.25 1.97
C MET B 249 26.43 -11.01 0.79
N LYS B 250 27.76 -11.00 0.67
CA LYS B 250 28.42 -11.82 -0.35
C LYS B 250 28.09 -13.29 -0.17
N ARG B 251 28.01 -13.77 1.08
N ARG B 251 28.05 -13.76 1.08
CA ARG B 251 27.74 -15.17 1.30
CA ARG B 251 27.73 -15.16 1.35
C ARG B 251 26.27 -15.50 1.01
C ARG B 251 26.29 -15.47 0.98
N LEU B 252 25.34 -14.73 1.58
CA LEU B 252 23.93 -14.97 1.33
C LEU B 252 23.59 -14.89 -0.16
N MET B 253 24.32 -14.05 -0.90
CA MET B 253 24.12 -13.98 -2.34
C MET B 253 24.50 -15.29 -3.00
N ALA B 254 25.68 -15.81 -2.67
CA ALA B 254 26.15 -17.07 -3.23
C ALA B 254 25.28 -18.24 -2.77
N GLU B 255 24.71 -18.14 -1.57
CA GLU B 255 23.84 -19.18 -1.06
C GLU B 255 22.56 -19.26 -1.88
N CYS B 256 22.05 -18.11 -2.33
CA CYS B 256 20.84 -18.09 -3.14
C CYS B 256 21.09 -18.62 -4.56
N LEU B 257 22.31 -18.54 -5.06
CA LEU B 257 22.61 -18.94 -6.42
C LEU B 257 23.20 -20.33 -6.53
N LYS B 258 23.11 -21.13 -5.48
CA LYS B 258 23.60 -22.49 -5.54
C LYS B 258 22.90 -23.25 -6.66
N LYS B 259 23.66 -24.11 -7.34
CA LYS B 259 23.13 -24.79 -8.52
C LYS B 259 21.97 -25.71 -8.15
N LYS B 260 22.13 -26.43 -7.05
CA LYS B 260 21.11 -27.36 -6.57
C LYS B 260 20.03 -26.61 -5.81
N ARG B 261 18.76 -26.95 -6.07
CA ARG B 261 17.65 -26.22 -5.44
C ARG B 261 17.64 -26.40 -3.92
N ASP B 262 17.86 -27.62 -3.45
CA ASP B 262 17.68 -27.91 -2.03
C ASP B 262 18.82 -27.40 -1.17
N GLU B 263 19.67 -26.52 -1.72
CA GLU B 263 20.74 -25.90 -0.94
C GLU B 263 20.62 -24.40 -0.81
N ARG B 264 19.63 -23.78 -1.41
CA ARG B 264 19.48 -22.34 -1.27
C ARG B 264 18.51 -22.05 -0.13
N PRO B 265 18.74 -20.98 0.62
CA PRO B 265 17.94 -20.74 1.83
C PRO B 265 16.50 -20.41 1.49
N SER B 266 15.63 -20.67 2.46
CA SER B 266 14.25 -20.24 2.34
C SER B 266 14.15 -18.78 2.77
N PHE B 267 13.12 -18.10 2.28
CA PHE B 267 13.03 -16.67 2.51
C PHE B 267 12.92 -16.25 3.98
N PRO B 268 12.29 -17.01 4.89
CA PRO B 268 12.35 -16.62 6.31
C PRO B 268 13.77 -16.36 6.79
N ARG B 269 14.67 -17.33 6.57
CA ARG B 269 16.07 -17.17 6.94
C ARG B 269 16.73 -16.06 6.13
N ILE B 270 16.33 -15.90 4.87
CA ILE B 270 16.86 -14.82 4.05
C ILE B 270 16.51 -13.46 4.65
N LEU B 271 15.24 -13.27 4.99
CA LEU B 271 14.79 -12.00 5.54
C LEU B 271 15.49 -11.72 6.87
N ALA B 272 15.53 -12.71 7.76
CA ALA B 272 16.15 -12.52 9.07
C ALA B 272 17.62 -12.14 8.93
N GLU B 273 18.34 -12.81 8.03
CA GLU B 273 19.72 -12.46 7.78
C GLU B 273 19.84 -11.00 7.37
N ILE B 274 18.96 -10.55 6.48
CA ILE B 274 19.02 -9.18 5.95
C ILE B 274 18.56 -8.17 7.01
N GLU B 275 17.55 -8.54 7.82
CA GLU B 275 17.09 -7.64 8.87
C GLU B 275 18.20 -7.39 9.89
N GLU B 276 18.96 -8.43 10.21
CA GLU B 276 20.13 -8.28 11.06
C GLU B 276 21.12 -7.28 10.46
N LEU B 277 21.51 -7.52 9.20
CA LEU B 277 22.49 -6.67 8.54
C LEU B 277 22.06 -5.21 8.52
N ALA B 278 20.75 -4.97 8.36
CA ALA B 278 20.27 -3.60 8.30
C ALA B 278 20.45 -2.88 9.64
N ARG B 279 20.25 -3.59 10.74
CA ARG B 279 20.48 -3.01 12.06
C ARG B 279 21.94 -2.71 12.34
N GLU B 280 22.87 -3.35 11.63
CA GLU B 280 24.29 -3.03 11.71
C GLU B 280 24.64 -1.80 10.89
N LEU B 281 23.73 -1.38 10.01
CA LEU B 281 23.87 -0.19 9.17
C LEU B 281 24.99 -0.33 8.15
#